data_1RIH
#
_entry.id   1RIH
#
_cell.length_a   52.5
_cell.length_b   78.9
_cell.length_c   121.9
_cell.angle_alpha   90.0
_cell.angle_beta   90.0
_cell.angle_gamma   90.0
#
_symmetry.space_group_name_H-M   'P 21 21 21'
#
loop_
_entity.id
_entity.type
_entity.pdbx_description
1 polymer 'light chain of antibody 14F7'
2 polymer 'heavy chain of antibody 14F7'
3 water water
#
loop_
_entity_poly.entity_id
_entity_poly.type
_entity_poly.pdbx_seq_one_letter_code
_entity_poly.pdbx_strand_id
1 'polypeptide(L)'
;DLVLTQSPATLSVTPGDSVSFSCRASQSISNNLHWYQQRTHESPRLLIKYASQSISGIPSRFSGSGSGTDFTLSISSVET
EDFGMYFCQQSNRWPLTFGAGTKLELKRADAAPTVSIFPPSSEQLTSGGASVVCFLNNFYPKDINVKWKIDGSERQNGVL
NSWTDQDSKDSTYSMSSTLTLTKDEYERHNSYTCEATHKTSTSPIVKSFNRNEC
;
L
2 'polypeptide(L)'
;QVQLQQSGNELAKPGASMKMSCRASGYSFTSYWIHWLKQRPDQGLEWIGYIDPATAYTESNQKFKDKAILTADRSSNTAF
MYLNSLTSEDSAVYYCARESPRLRRGIYYYAMDYWGQGTTVTVSSAKTTPPSVYPLAPGSAAQTNSMVTLGCLVKGYFPE
PVTVTWNSGSLSSGVHTFPAVLQSDLYTLSSSVTVPSSTWPSETVTCNVAHPASSTKVDKKIVPRDCGCKP
;
H
#
# COMPACT_ATOMS: atom_id res chain seq x y z
N ASP A 1 -21.15 5.15 17.11
CA ASP A 1 -21.75 5.26 15.76
C ASP A 1 -21.61 6.64 15.14
N LEU A 2 -20.42 7.22 15.32
CA LEU A 2 -20.11 8.51 14.73
C LEU A 2 -19.26 8.16 13.53
N VAL A 3 -19.80 8.38 12.32
CA VAL A 3 -19.09 8.08 11.09
C VAL A 3 -18.51 9.35 10.48
N LEU A 4 -17.27 9.25 9.99
CA LEU A 4 -16.58 10.35 9.34
C LEU A 4 -16.48 10.04 7.86
N THR A 5 -16.96 10.97 7.03
CA THR A 5 -16.95 10.80 5.60
C THR A 5 -16.10 11.85 4.87
N GLN A 6 -15.05 11.38 4.23
CA GLN A 6 -14.16 12.26 3.50
C GLN A 6 -14.43 12.14 2.02
N SER A 7 -14.47 13.28 1.36
CA SER A 7 -14.72 13.32 -0.06
C SER A 7 -13.98 14.53 -0.64
N PRO A 8 -13.47 14.38 -1.88
CA PRO A 8 -13.61 13.12 -2.61
C PRO A 8 -12.43 12.21 -2.24
N ALA A 9 -12.52 10.93 -2.59
CA ALA A 9 -11.43 10.00 -2.27
C ALA A 9 -10.16 10.34 -3.03
N THR A 10 -10.30 10.88 -4.23
CA THR A 10 -9.12 11.27 -4.99
C THR A 10 -9.32 12.61 -5.60
N LEU A 11 -8.27 13.42 -5.53
CA LEU A 11 -8.31 14.78 -6.06
C LEU A 11 -7.11 14.91 -6.97
N SER A 12 -7.38 15.07 -8.25
CA SER A 12 -6.33 15.15 -9.23
C SER A 12 -6.08 16.62 -9.58
N VAL A 13 -4.85 17.07 -9.36
CA VAL A 13 -4.58 18.48 -9.58
C VAL A 13 -3.19 18.84 -10.12
N THR A 14 -3.03 20.09 -10.50
CA THR A 14 -1.75 20.57 -11.02
C THR A 14 -1.16 21.53 -10.00
N PRO A 15 0.18 21.56 -9.88
CA PRO A 15 0.77 22.50 -8.93
C PRO A 15 0.26 23.91 -9.24
N GLY A 16 0.02 24.70 -8.19
CA GLY A 16 -0.46 26.06 -8.40
C GLY A 16 -1.97 26.14 -8.22
N ASP A 17 -2.65 25.01 -8.18
CA ASP A 17 -4.10 25.03 -8.02
C ASP A 17 -4.48 25.14 -6.54
N SER A 18 -5.77 25.36 -6.31
CA SER A 18 -6.31 25.43 -4.99
C SER A 18 -7.32 24.31 -4.84
N VAL A 19 -7.30 23.66 -3.69
CA VAL A 19 -8.19 22.54 -3.43
C VAL A 19 -8.75 22.62 -2.02
N SER A 20 -9.84 21.89 -1.81
CA SER A 20 -10.41 21.85 -0.49
C SER A 20 -10.98 20.45 -0.31
N PHE A 21 -10.56 19.80 0.78
CA PHE A 21 -11.01 18.46 1.08
C PHE A 21 -12.13 18.64 2.07
N SER A 22 -13.08 17.72 2.02
CA SER A 22 -14.20 17.77 2.90
C SER A 22 -14.14 16.59 3.83
N CYS A 23 -14.64 16.77 5.05
CA CYS A 23 -14.70 15.71 6.02
C CYS A 23 -15.97 16.01 6.78
N ARG A 24 -16.92 15.10 6.71
CA ARG A 24 -18.21 15.29 7.35
C ARG A 24 -18.48 14.30 8.46
N ALA A 25 -19.08 14.81 9.53
CA ALA A 25 -19.41 14.00 10.68
C ALA A 25 -20.91 13.75 10.69
N SER A 26 -21.29 12.52 11.07
CA SER A 26 -22.67 12.05 11.14
C SER A 26 -23.39 12.57 12.38
N GLN A 27 -22.67 13.34 13.17
CA GLN A 27 -23.19 13.96 14.39
C GLN A 27 -22.29 15.16 14.66
N SER A 28 -22.85 16.16 15.32
CA SER A 28 -22.09 17.35 15.63
C SER A 28 -20.99 16.98 16.65
N ILE A 29 -19.74 17.21 16.27
CA ILE A 29 -18.59 16.93 17.12
C ILE A 29 -17.89 18.23 17.44
N SER A 30 -18.64 19.32 17.40
CA SER A 30 -18.10 20.64 17.69
C SER A 30 -16.91 20.94 16.78
N ASN A 31 -15.77 21.27 17.38
CA ASN A 31 -14.56 21.56 16.62
C ASN A 31 -13.50 20.51 16.88
N ASN A 32 -13.89 19.41 17.50
CA ASN A 32 -12.94 18.35 17.84
C ASN A 32 -12.50 17.55 16.62
N LEU A 33 -11.75 18.20 15.73
CA LEU A 33 -11.32 17.56 14.51
C LEU A 33 -9.92 18.00 14.12
N HIS A 34 -9.05 17.05 13.79
CA HIS A 34 -7.67 17.35 13.41
C HIS A 34 -7.40 16.81 12.01
N TRP A 35 -6.40 17.38 11.33
CA TRP A 35 -6.03 16.94 9.99
C TRP A 35 -4.62 16.45 9.95
N TYR A 36 -4.41 15.37 9.21
CA TYR A 36 -3.10 14.79 9.05
C TYR A 36 -2.77 14.64 7.58
N GLN A 37 -1.47 14.62 7.32
CA GLN A 37 -0.95 14.44 5.99
C GLN A 37 0.00 13.25 5.99
N GLN A 38 -0.13 12.40 5.00
CA GLN A 38 0.79 11.27 4.89
C GLN A 38 1.33 11.11 3.47
N ARG A 39 2.62 11.38 3.30
CA ARG A 39 3.29 11.25 2.02
C ARG A 39 3.79 9.82 1.97
N THR A 40 4.08 9.32 0.77
CA THR A 40 4.50 7.93 0.62
C THR A 40 5.80 7.62 1.34
N HIS A 41 5.84 6.47 2.00
CA HIS A 41 7.01 6.05 2.75
C HIS A 41 7.23 6.86 4.02
N GLU A 42 6.22 7.64 4.42
CA GLU A 42 6.37 8.44 5.63
C GLU A 42 5.19 8.19 6.55
N SER A 43 5.37 8.50 7.81
CA SER A 43 4.27 8.32 8.76
C SER A 43 3.41 9.57 8.77
N PRO A 44 2.18 9.47 9.25
CA PRO A 44 1.31 10.64 9.29
C PRO A 44 1.98 11.83 10.00
N ARG A 45 1.54 13.03 9.69
CA ARG A 45 2.10 14.24 10.27
C ARG A 45 0.94 15.20 10.58
N LEU A 46 0.85 15.65 11.83
CA LEU A 46 -0.24 16.56 12.25
C LEU A 46 -0.14 17.91 11.53
N LEU A 47 -1.26 18.38 10.96
CA LEU A 47 -1.29 19.64 10.21
C LEU A 47 -2.09 20.71 10.87
N ILE A 48 -3.27 20.33 11.34
CA ILE A 48 -4.18 21.26 11.95
C ILE A 48 -4.91 20.59 13.09
N LYS A 49 -5.15 21.33 14.17
CA LYS A 49 -5.92 20.75 15.25
C LYS A 49 -7.06 21.66 15.59
N TYR A 50 -8.10 21.08 16.17
CA TYR A 50 -9.31 21.79 16.53
C TYR A 50 -9.91 22.53 15.36
N ALA A 51 -9.93 21.82 14.23
CA ALA A 51 -10.50 22.30 12.99
C ALA A 51 -9.80 23.44 12.31
N SER A 52 -9.21 24.33 13.09
CA SER A 52 -8.64 25.49 12.48
C SER A 52 -7.30 25.99 12.96
N GLN A 53 -6.79 25.44 14.05
CA GLN A 53 -5.51 25.90 14.54
C GLN A 53 -4.36 25.22 13.86
N SER A 54 -3.60 25.98 13.07
CA SER A 54 -2.45 25.39 12.39
C SER A 54 -1.31 25.16 13.38
N ILE A 55 -0.50 24.15 13.06
CA ILE A 55 0.63 23.74 13.87
C ILE A 55 1.84 24.59 13.52
N SER A 56 2.83 24.58 14.41
CA SER A 56 4.05 25.37 14.26
C SER A 56 4.58 25.66 12.85
N GLY A 57 5.28 24.70 12.24
CA GLY A 57 5.84 24.94 10.92
C GLY A 57 5.00 24.58 9.71
N ILE A 58 3.69 24.60 9.85
CA ILE A 58 2.86 24.23 8.72
C ILE A 58 2.68 25.41 7.79
N PRO A 59 3.16 25.28 6.55
CA PRO A 59 3.02 26.36 5.57
C PRO A 59 1.63 26.98 5.59
N SER A 60 1.62 28.28 5.50
CA SER A 60 0.42 29.07 5.54
C SER A 60 -0.66 28.71 4.52
N ARG A 61 -0.31 28.00 3.43
CA ARG A 61 -1.35 27.65 2.43
C ARG A 61 -2.35 26.63 2.96
N PHE A 62 -1.98 25.96 4.05
CA PHE A 62 -2.88 25.00 4.65
C PHE A 62 -3.78 25.77 5.58
N SER A 63 -5.07 25.68 5.32
CA SER A 63 -6.06 26.38 6.12
C SER A 63 -7.26 25.47 6.42
N GLY A 64 -7.59 25.36 7.70
CA GLY A 64 -8.72 24.54 8.07
C GLY A 64 -9.85 25.38 8.62
N SER A 65 -11.08 25.02 8.27
CA SER A 65 -12.24 25.71 8.76
C SER A 65 -13.34 24.66 8.98
N GLY A 66 -14.38 25.06 9.72
CA GLY A 66 -15.47 24.15 9.97
C GLY A 66 -15.89 24.10 11.42
N SER A 67 -17.02 23.47 11.66
CA SER A 67 -17.55 23.33 13.00
C SER A 67 -18.80 22.46 12.91
N GLY A 68 -19.14 21.80 14.02
CA GLY A 68 -20.32 20.96 14.04
C GLY A 68 -20.21 19.63 13.34
N THR A 69 -20.59 19.59 12.07
CA THR A 69 -20.54 18.37 11.29
C THR A 69 -19.83 18.54 9.95
N ASP A 70 -19.39 19.76 9.66
CA ASP A 70 -18.73 20.00 8.38
C ASP A 70 -17.40 20.67 8.55
N PHE A 71 -16.36 20.05 8.00
CA PHE A 71 -15.02 20.63 8.09
C PHE A 71 -14.39 20.60 6.74
N THR A 72 -13.49 21.54 6.49
CA THR A 72 -12.85 21.65 5.20
C THR A 72 -11.41 22.03 5.40
N LEU A 73 -10.54 21.42 4.62
CA LEU A 73 -9.11 21.72 4.65
C LEU A 73 -8.83 22.22 3.26
N SER A 74 -8.16 23.36 3.18
CA SER A 74 -7.84 23.97 1.90
C SER A 74 -6.37 24.18 1.81
N ILE A 75 -5.90 24.10 0.57
CA ILE A 75 -4.51 24.32 0.23
C ILE A 75 -4.64 25.28 -0.95
N SER A 76 -4.14 26.50 -0.78
CA SER A 76 -4.18 27.52 -1.83
C SER A 76 -2.80 27.35 -2.48
N SER A 77 -2.78 27.26 -3.80
CA SER A 77 -1.51 27.07 -4.53
C SER A 77 -0.73 25.85 -4.05
N VAL A 78 -1.21 24.68 -4.48
CA VAL A 78 -0.59 23.41 -4.12
C VAL A 78 0.84 23.32 -4.69
N GLU A 79 1.77 22.88 -3.86
CA GLU A 79 3.15 22.70 -4.30
C GLU A 79 3.35 21.20 -4.48
N THR A 80 4.46 20.81 -5.08
CA THR A 80 4.64 19.38 -5.32
C THR A 80 4.86 18.50 -4.11
N GLU A 81 5.29 19.05 -2.99
CA GLU A 81 5.50 18.19 -1.84
C GLU A 81 4.22 18.00 -1.04
N ASP A 82 3.12 18.57 -1.54
CA ASP A 82 1.82 18.45 -0.89
C ASP A 82 1.06 17.22 -1.40
N PHE A 83 1.65 16.49 -2.33
CA PHE A 83 0.97 15.32 -2.85
C PHE A 83 1.06 14.18 -1.87
N GLY A 84 -0.07 13.54 -1.62
CA GLY A 84 -0.08 12.43 -0.68
C GLY A 84 -1.50 12.17 -0.22
N MET A 85 -1.62 11.67 1.00
CA MET A 85 -2.93 11.34 1.54
C MET A 85 -3.27 12.30 2.70
N TYR A 86 -4.53 12.65 2.86
CA TYR A 86 -4.95 13.55 3.94
C TYR A 86 -6.09 12.93 4.73
N PHE A 87 -5.93 12.84 6.04
CA PHE A 87 -6.96 12.24 6.90
C PHE A 87 -7.48 13.21 7.93
N CYS A 88 -8.74 13.05 8.28
CA CYS A 88 -9.30 13.86 9.33
C CYS A 88 -9.56 12.90 10.50
N GLN A 89 -9.51 13.40 11.73
CA GLN A 89 -9.72 12.58 12.93
C GLN A 89 -10.65 13.28 13.91
N GLN A 90 -11.61 12.55 14.47
CA GLN A 90 -12.48 13.20 15.44
C GLN A 90 -11.90 12.94 16.82
N SER A 91 -12.09 13.87 17.74
CA SER A 91 -11.57 13.70 19.08
C SER A 91 -12.70 13.99 20.04
N ASN A 92 -13.90 13.82 19.53
CA ASN A 92 -15.11 14.10 20.28
C ASN A 92 -15.52 13.03 21.26
N ARG A 93 -15.35 11.76 20.86
CA ARG A 93 -15.73 10.64 21.72
C ARG A 93 -14.89 9.43 21.43
N TRP A 94 -15.07 8.40 22.24
CA TRP A 94 -14.30 7.20 22.11
C TRP A 94 -15.05 6.11 21.34
N PRO A 95 -14.33 5.32 20.54
CA PRO A 95 -12.88 5.41 20.31
C PRO A 95 -12.53 6.53 19.33
N LEU A 96 -11.28 7.00 19.34
CA LEU A 96 -10.90 8.04 18.37
C LEU A 96 -10.97 7.38 17.00
N THR A 97 -11.49 8.08 15.99
CA THR A 97 -11.61 7.50 14.66
C THR A 97 -11.13 8.44 13.55
N PHE A 98 -10.71 7.84 12.44
CA PHE A 98 -10.23 8.59 11.29
C PHE A 98 -11.13 8.39 10.10
N GLY A 99 -11.07 9.33 9.16
CA GLY A 99 -11.81 9.19 7.93
C GLY A 99 -10.96 8.26 7.07
N ALA A 100 -11.49 7.86 5.91
CA ALA A 100 -10.76 6.94 5.01
C ALA A 100 -9.61 7.56 4.23
N GLY A 101 -9.59 8.88 4.15
CA GLY A 101 -8.51 9.55 3.43
C GLY A 101 -8.92 10.15 2.09
N THR A 102 -8.10 11.06 1.61
CA THR A 102 -8.30 11.69 0.34
C THR A 102 -6.92 11.75 -0.22
N LYS A 103 -6.75 11.21 -1.43
CA LYS A 103 -5.47 11.20 -2.10
C LYS A 103 -5.38 12.37 -3.05
N LEU A 104 -4.26 13.08 -3.03
CA LEU A 104 -4.07 14.20 -3.92
C LEU A 104 -3.01 13.70 -4.88
N GLU A 105 -3.35 13.61 -6.16
CA GLU A 105 -2.37 13.15 -7.14
C GLU A 105 -2.17 14.18 -8.21
N LEU A 106 -1.14 13.97 -9.00
CA LEU A 106 -0.80 14.89 -10.08
C LEU A 106 -1.63 14.61 -11.33
N LYS A 107 -2.33 15.62 -11.84
CA LYS A 107 -3.13 15.44 -13.05
C LYS A 107 -2.25 15.46 -14.29
N ARG A 108 -2.73 14.79 -15.32
CA ARG A 108 -2.03 14.74 -16.59
C ARG A 108 -3.05 14.32 -17.60
N ALA A 109 -2.68 14.31 -18.86
CA ALA A 109 -3.62 13.95 -19.91
C ALA A 109 -3.97 12.47 -19.83
N ASP A 110 -5.20 12.13 -20.23
CA ASP A 110 -5.61 10.74 -20.25
C ASP A 110 -4.63 10.00 -21.13
N ALA A 111 -4.40 8.74 -20.83
CA ALA A 111 -3.51 7.87 -21.62
C ALA A 111 -4.10 6.48 -21.57
N ALA A 112 -4.28 5.89 -22.74
CA ALA A 112 -4.82 4.54 -22.87
C ALA A 112 -3.76 3.55 -22.43
N PRO A 113 -4.19 2.44 -21.83
CA PRO A 113 -3.20 1.45 -21.39
C PRO A 113 -2.66 0.60 -22.53
N THR A 114 -1.38 0.24 -22.46
CA THR A 114 -0.78 -0.65 -23.43
C THR A 114 -0.96 -2.03 -22.74
N VAL A 115 -1.68 -2.93 -23.40
CA VAL A 115 -1.94 -4.24 -22.79
C VAL A 115 -1.18 -5.38 -23.44
N SER A 116 -0.66 -6.28 -22.60
CA SER A 116 0.09 -7.45 -23.07
C SER A 116 -0.40 -8.69 -22.34
N ILE A 117 -0.59 -9.79 -23.05
CA ILE A 117 -1.01 -11.00 -22.40
C ILE A 117 0.06 -12.06 -22.67
N PHE A 118 0.32 -12.91 -21.68
CA PHE A 118 1.32 -13.95 -21.81
C PHE A 118 0.77 -15.30 -21.38
N PRO A 119 0.94 -16.33 -22.22
CA PRO A 119 0.46 -17.67 -21.88
C PRO A 119 1.45 -18.26 -20.87
N PRO A 120 1.07 -19.35 -20.18
CA PRO A 120 1.95 -19.99 -19.19
C PRO A 120 3.25 -20.42 -19.87
N SER A 121 4.36 -20.41 -19.13
CA SER A 121 5.61 -20.85 -19.73
C SER A 121 5.71 -22.35 -19.50
N SER A 122 6.29 -23.06 -20.45
CA SER A 122 6.45 -24.51 -20.34
C SER A 122 7.09 -24.86 -19.00
N GLU A 123 8.13 -24.10 -18.63
CA GLU A 123 8.84 -24.31 -17.38
C GLU A 123 7.91 -24.44 -16.17
N GLN A 124 6.79 -23.70 -16.20
CA GLN A 124 5.82 -23.74 -15.09
C GLN A 124 4.77 -24.86 -15.26
N LEU A 125 4.36 -25.12 -16.50
CA LEU A 125 3.39 -26.17 -16.76
C LEU A 125 3.97 -27.52 -16.27
N THR A 126 5.22 -27.82 -16.65
CA THR A 126 5.87 -29.07 -16.22
C THR A 126 5.78 -29.30 -14.71
N SER A 127 5.62 -28.23 -13.94
CA SER A 127 5.48 -28.35 -12.49
C SER A 127 4.01 -28.41 -12.09
N GLY A 128 3.14 -28.52 -13.10
CA GLY A 128 1.72 -28.62 -12.85
C GLY A 128 1.00 -27.32 -12.51
N GLY A 129 1.58 -26.18 -12.89
CA GLY A 129 0.93 -24.92 -12.62
C GLY A 129 0.71 -24.16 -13.92
N ALA A 130 -0.29 -23.28 -13.93
CA ALA A 130 -0.60 -22.48 -15.11
C ALA A 130 -0.97 -21.05 -14.71
N SER A 131 -0.07 -20.10 -14.98
CA SER A 131 -0.30 -18.69 -14.64
C SER A 131 -0.35 -17.84 -15.90
N VAL A 132 -1.49 -17.21 -16.16
CA VAL A 132 -1.64 -16.35 -17.33
C VAL A 132 -1.48 -14.94 -16.77
N VAL A 133 -0.62 -14.16 -17.41
CA VAL A 133 -0.31 -12.80 -16.99
C VAL A 133 -0.71 -11.77 -18.02
N CYS A 134 -1.24 -10.68 -17.51
CA CYS A 134 -1.68 -9.58 -18.32
C CYS A 134 -1.13 -8.29 -17.75
N PHE A 135 -0.37 -7.57 -18.55
CA PHE A 135 0.18 -6.29 -18.11
C PHE A 135 -0.62 -5.14 -18.72
N LEU A 136 -0.95 -4.16 -17.89
CA LEU A 136 -1.67 -2.97 -18.35
C LEU A 136 -0.78 -1.84 -17.90
N ASN A 137 0.02 -1.33 -18.83
CA ASN A 137 0.98 -0.29 -18.54
C ASN A 137 0.74 1.13 -19.01
N ASN A 138 1.16 2.08 -18.18
CA ASN A 138 1.10 3.49 -18.51
C ASN A 138 -0.21 4.12 -18.91
N PHE A 139 -1.19 4.04 -18.03
CA PHE A 139 -2.48 4.63 -18.31
C PHE A 139 -2.82 5.70 -17.28
N TYR A 140 -3.86 6.45 -17.58
CA TYR A 140 -4.30 7.52 -16.73
C TYR A 140 -5.66 7.88 -17.26
N PRO A 141 -6.63 8.12 -16.37
CA PRO A 141 -6.50 8.06 -14.91
C PRO A 141 -6.28 6.67 -14.31
N LYS A 142 -6.24 6.64 -12.97
CA LYS A 142 -6.01 5.44 -12.17
C LYS A 142 -7.08 4.33 -12.25
N ASP A 143 -8.34 4.73 -12.21
CA ASP A 143 -9.47 3.82 -12.24
C ASP A 143 -9.46 2.95 -13.46
N ILE A 144 -9.46 1.64 -13.21
CA ILE A 144 -9.45 0.68 -14.27
C ILE A 144 -10.04 -0.61 -13.70
N ASN A 145 -10.75 -1.35 -14.54
CA ASN A 145 -11.35 -2.62 -14.15
C ASN A 145 -10.88 -3.66 -15.12
N VAL A 146 -10.36 -4.77 -14.58
CA VAL A 146 -9.87 -5.85 -15.40
C VAL A 146 -10.68 -7.12 -15.10
N LYS A 147 -11.15 -7.77 -16.16
CA LYS A 147 -11.92 -9.00 -16.01
C LYS A 147 -11.27 -10.10 -16.81
N TRP A 148 -11.29 -11.30 -16.25
CA TRP A 148 -10.71 -12.45 -16.91
C TRP A 148 -11.77 -13.37 -17.51
N LYS A 149 -11.55 -13.74 -18.77
CA LYS A 149 -12.47 -14.64 -19.44
C LYS A 149 -11.72 -15.86 -19.98
N ILE A 150 -12.32 -17.02 -19.77
CA ILE A 150 -11.79 -18.30 -20.23
C ILE A 150 -12.88 -18.85 -21.14
N ASP A 151 -12.62 -18.86 -22.45
CA ASP A 151 -13.62 -19.33 -23.40
C ASP A 151 -14.91 -18.53 -23.23
N GLY A 152 -14.80 -17.21 -23.36
CA GLY A 152 -15.95 -16.35 -23.24
C GLY A 152 -16.72 -16.46 -21.94
N SER A 153 -16.05 -16.70 -20.82
CA SER A 153 -16.74 -16.80 -19.53
C SER A 153 -15.91 -16.15 -18.42
N GLU A 154 -16.56 -15.72 -17.34
CA GLU A 154 -15.83 -15.06 -16.27
C GLU A 154 -15.28 -15.94 -15.16
N ARG A 155 -14.05 -15.65 -14.76
CA ARG A 155 -13.43 -16.37 -13.66
C ARG A 155 -13.14 -15.36 -12.56
N GLN A 156 -13.68 -15.63 -11.37
CA GLN A 156 -13.52 -14.73 -10.24
C GLN A 156 -12.33 -15.08 -9.34
N ASN A 157 -12.00 -16.36 -9.24
CA ASN A 157 -10.94 -16.82 -8.35
C ASN A 157 -9.59 -17.11 -9.00
N GLY A 158 -8.55 -17.07 -8.16
CA GLY A 158 -7.19 -17.33 -8.61
C GLY A 158 -6.53 -16.15 -9.33
N VAL A 159 -7.12 -14.98 -9.16
CA VAL A 159 -6.69 -13.72 -9.78
C VAL A 159 -5.90 -12.82 -8.83
N LEU A 160 -4.67 -12.52 -9.21
CA LEU A 160 -3.84 -11.65 -8.39
C LEU A 160 -3.55 -10.34 -9.15
N ASN A 161 -3.98 -9.23 -8.57
CA ASN A 161 -3.79 -7.92 -9.17
C ASN A 161 -2.81 -7.06 -8.36
N SER A 162 -1.98 -6.27 -9.05
CA SER A 162 -1.01 -5.40 -8.40
C SER A 162 -0.84 -4.15 -9.22
N TRP A 163 -0.75 -3.02 -8.53
CA TRP A 163 -0.65 -1.70 -9.13
C TRP A 163 0.61 -1.00 -8.71
N THR A 164 1.19 -0.20 -9.61
CA THR A 164 2.36 0.60 -9.26
C THR A 164 1.77 1.94 -8.80
N ASP A 165 2.58 2.77 -8.16
CA ASP A 165 2.10 4.07 -7.74
C ASP A 165 2.34 4.98 -8.92
N GLN A 166 1.78 6.18 -8.87
CA GLN A 166 1.95 7.12 -9.95
C GLN A 166 3.42 7.27 -10.31
N ASP A 167 3.74 7.12 -11.58
CA ASP A 167 5.13 7.24 -12.06
C ASP A 167 5.67 8.67 -11.91
N SER A 168 6.91 8.77 -11.46
CA SER A 168 7.57 10.06 -11.25
C SER A 168 7.87 10.80 -12.56
N LYS A 169 8.18 10.06 -13.61
CA LYS A 169 8.49 10.68 -14.89
C LYS A 169 7.31 11.08 -15.77
N ASP A 170 6.37 10.16 -16.01
CA ASP A 170 5.23 10.52 -16.87
C ASP A 170 3.92 10.56 -16.13
N SER A 171 3.97 10.34 -14.82
CA SER A 171 2.78 10.38 -13.97
C SER A 171 1.66 9.39 -14.30
N THR A 172 1.96 8.30 -15.01
CA THR A 172 0.89 7.34 -15.32
C THR A 172 0.92 6.20 -14.29
N TYR A 173 -0.03 5.28 -14.40
CA TYR A 173 -0.09 4.13 -13.50
C TYR A 173 0.07 2.89 -14.33
N SER A 174 0.37 1.79 -13.66
CA SER A 174 0.53 0.54 -14.35
C SER A 174 -0.04 -0.54 -13.49
N MET A 175 -0.39 -1.67 -14.09
CA MET A 175 -0.98 -2.76 -13.32
C MET A 175 -0.70 -4.11 -13.98
N SER A 176 -0.63 -5.16 -13.18
CA SER A 176 -0.46 -6.49 -13.74
C SER A 176 -1.49 -7.36 -13.06
N SER A 177 -2.06 -8.27 -13.84
CA SER A 177 -3.07 -9.17 -13.33
C SER A 177 -2.69 -10.61 -13.72
N THR A 178 -2.63 -11.50 -12.74
CA THR A 178 -2.29 -12.89 -13.01
C THR A 178 -3.46 -13.78 -12.63
N LEU A 179 -3.78 -14.70 -13.51
CA LEU A 179 -4.84 -15.67 -13.27
C LEU A 179 -4.07 -16.97 -13.11
N THR A 180 -4.08 -17.53 -11.91
CA THR A 180 -3.37 -18.78 -11.65
C THR A 180 -4.30 -19.99 -11.64
N LEU A 181 -4.00 -20.95 -12.52
CA LEU A 181 -4.80 -22.17 -12.66
C LEU A 181 -4.06 -23.46 -12.28
N THR A 182 -4.61 -24.56 -12.80
CA THR A 182 -4.08 -25.92 -12.63
C THR A 182 -3.65 -26.32 -14.03
N LYS A 183 -2.56 -27.06 -14.18
CA LYS A 183 -2.17 -27.45 -15.54
C LYS A 183 -3.36 -28.15 -16.19
N ASP A 184 -4.26 -28.64 -15.35
CA ASP A 184 -5.48 -29.34 -15.79
C ASP A 184 -6.53 -28.38 -16.31
N GLU A 185 -7.02 -27.52 -15.43
CA GLU A 185 -8.03 -26.52 -15.78
C GLU A 185 -7.58 -25.83 -17.06
N TYR A 186 -6.32 -25.41 -17.03
CA TYR A 186 -5.74 -24.71 -18.15
C TYR A 186 -5.85 -25.48 -19.47
N GLU A 187 -5.91 -26.80 -19.36
CA GLU A 187 -5.99 -27.61 -20.57
C GLU A 187 -7.40 -28.02 -20.95
N ARG A 188 -8.36 -27.77 -20.07
CA ARG A 188 -9.74 -28.10 -20.41
C ARG A 188 -10.24 -27.05 -21.41
N HIS A 189 -9.82 -25.80 -21.22
CA HIS A 189 -10.27 -24.71 -22.09
C HIS A 189 -9.25 -24.30 -23.15
N ASN A 190 -9.66 -23.40 -24.03
CA ASN A 190 -8.79 -22.98 -25.12
C ASN A 190 -8.54 -21.48 -25.34
N SER A 191 -9.54 -20.64 -25.07
CA SER A 191 -9.42 -19.19 -25.25
C SER A 191 -9.26 -18.42 -23.94
N TYR A 192 -8.18 -17.65 -23.83
CA TYR A 192 -7.93 -16.86 -22.63
C TYR A 192 -7.96 -15.36 -22.91
N THR A 193 -8.77 -14.62 -22.16
CA THR A 193 -8.91 -13.20 -22.39
C THR A 193 -8.75 -12.26 -21.21
N CYS A 194 -7.97 -11.20 -21.46
CA CYS A 194 -7.73 -10.17 -20.46
C CYS A 194 -8.65 -9.03 -20.90
N GLU A 195 -9.62 -8.65 -20.08
CA GLU A 195 -10.53 -7.57 -20.48
C GLU A 195 -10.47 -6.36 -19.56
N ALA A 196 -10.27 -5.18 -20.13
CA ALA A 196 -10.20 -3.98 -19.30
C ALA A 196 -11.11 -2.86 -19.78
N THR A 197 -11.60 -2.08 -18.82
CA THR A 197 -12.44 -0.92 -19.14
C THR A 197 -11.80 0.28 -18.48
N HIS A 198 -11.56 1.29 -19.29
CA HIS A 198 -10.93 2.50 -18.84
C HIS A 198 -11.58 3.75 -19.45
N LYS A 199 -11.41 4.88 -18.79
CA LYS A 199 -11.96 6.13 -19.25
C LYS A 199 -11.69 6.35 -20.74
N THR A 200 -10.51 5.97 -21.22
CA THR A 200 -10.15 6.18 -22.61
C THR A 200 -10.90 5.38 -23.67
N SER A 201 -11.80 4.49 -23.27
CA SER A 201 -12.56 3.75 -24.26
C SER A 201 -13.95 3.36 -23.76
N THR A 202 -14.98 3.56 -24.59
CA THR A 202 -16.33 3.19 -24.16
C THR A 202 -16.57 1.70 -24.28
N SER A 203 -15.79 1.04 -25.13
CA SER A 203 -15.91 -0.39 -25.26
C SER A 203 -14.69 -1.02 -24.56
N PRO A 204 -14.82 -2.27 -24.10
CA PRO A 204 -13.73 -2.96 -23.40
C PRO A 204 -12.43 -3.02 -24.17
N ILE A 205 -11.30 -2.88 -23.46
CA ILE A 205 -10.01 -3.02 -24.11
C ILE A 205 -9.66 -4.49 -23.88
N VAL A 206 -9.48 -5.22 -24.98
CA VAL A 206 -9.22 -6.64 -24.89
C VAL A 206 -7.95 -7.18 -25.52
N LYS A 207 -7.40 -8.21 -24.87
CA LYS A 207 -6.21 -8.90 -25.33
C LYS A 207 -6.52 -10.35 -25.09
N SER A 208 -6.30 -11.17 -26.08
CA SER A 208 -6.64 -12.58 -25.93
C SER A 208 -5.71 -13.54 -26.63
N PHE A 209 -5.86 -14.82 -26.29
CA PHE A 209 -5.07 -15.87 -26.93
C PHE A 209 -5.68 -17.25 -26.70
N ASN A 210 -5.54 -18.11 -27.71
CA ASN A 210 -6.00 -19.50 -27.63
C ASN A 210 -4.69 -20.27 -27.49
N ARG A 211 -4.65 -21.34 -26.69
CA ARG A 211 -3.37 -22.02 -26.52
C ARG A 211 -2.87 -22.86 -27.70
N ASN A 212 -3.11 -22.35 -28.91
CA ASN A 212 -2.70 -23.00 -30.15
C ASN A 212 -1.45 -22.35 -30.76
N GLN B 1 13.61 18.06 18.71
CA GLN B 1 14.46 16.84 18.56
C GLN B 1 13.77 15.64 19.20
N VAL B 2 12.45 15.72 19.29
CA VAL B 2 11.67 14.63 19.87
C VAL B 2 11.76 13.41 18.96
N GLN B 3 11.86 12.23 19.56
CA GLN B 3 11.97 11.05 18.73
C GLN B 3 11.34 9.80 19.32
N LEU B 4 10.62 9.07 18.47
CA LEU B 4 10.01 7.80 18.86
C LEU B 4 10.59 6.74 17.91
N GLN B 5 11.26 5.74 18.46
CA GLN B 5 11.90 4.67 17.69
C GLN B 5 11.22 3.32 17.93
N GLN B 6 10.64 2.74 16.90
CA GLN B 6 9.95 1.46 17.09
C GLN B 6 10.81 0.26 16.68
N SER B 7 10.48 -0.90 17.24
CA SER B 7 11.22 -2.13 16.95
C SER B 7 11.22 -2.40 15.45
N GLY B 8 11.99 -3.39 15.02
CA GLY B 8 12.08 -3.70 13.59
C GLY B 8 10.91 -4.51 13.11
N ASN B 9 10.74 -4.64 11.80
CA ASN B 9 9.63 -5.41 11.24
C ASN B 9 9.66 -6.83 11.75
N GLU B 10 8.60 -7.59 11.52
CA GLU B 10 8.60 -8.94 12.03
C GLU B 10 7.63 -9.86 11.37
N LEU B 11 8.02 -11.13 11.34
CA LEU B 11 7.20 -12.18 10.77
C LEU B 11 6.66 -12.93 11.96
N ALA B 12 5.52 -13.57 11.79
CA ALA B 12 4.95 -14.29 12.89
C ALA B 12 4.01 -15.33 12.36
N LYS B 13 3.97 -16.47 13.04
CA LYS B 13 3.08 -17.53 12.59
C LYS B 13 1.74 -17.26 13.22
N PRO B 14 0.65 -17.69 12.56
CA PRO B 14 -0.71 -17.49 13.09
C PRO B 14 -0.75 -17.92 14.55
N GLY B 15 -1.85 -17.60 15.24
CA GLY B 15 -2.00 -17.97 16.64
C GLY B 15 -0.90 -17.54 17.61
N ALA B 16 0.26 -17.13 17.09
CA ALA B 16 1.37 -16.69 17.93
C ALA B 16 1.06 -15.36 18.60
N SER B 17 2.01 -14.90 19.40
CA SER B 17 1.87 -13.66 20.12
C SER B 17 3.05 -12.81 19.75
N MET B 18 2.88 -11.50 19.85
CA MET B 18 3.96 -10.62 19.50
C MET B 18 3.99 -9.41 20.42
N LYS B 19 5.17 -8.82 20.57
CA LYS B 19 5.38 -7.67 21.42
C LYS B 19 6.30 -6.65 20.73
N MET B 20 5.74 -5.50 20.33
CA MET B 20 6.50 -4.43 19.70
C MET B 20 6.96 -3.41 20.72
N SER B 21 7.97 -2.63 20.38
CA SER B 21 8.44 -1.62 21.29
C SER B 21 8.48 -0.22 20.64
N CYS B 22 8.42 0.80 21.49
CA CYS B 22 8.45 2.19 21.06
C CYS B 22 9.26 2.91 22.11
N ARG B 23 10.50 3.23 21.74
CA ARG B 23 11.42 3.89 22.64
C ARG B 23 11.36 5.39 22.38
N ALA B 24 11.23 6.16 23.46
CA ALA B 24 11.14 7.61 23.39
C ALA B 24 12.43 8.29 23.85
N SER B 25 12.68 9.48 23.32
CA SER B 25 13.88 10.24 23.66
C SER B 25 13.61 11.65 23.19
N GLY B 26 14.14 12.65 23.91
CA GLY B 26 13.96 14.05 23.52
C GLY B 26 12.98 14.88 24.37
N TYR B 27 12.27 14.20 25.26
CA TYR B 27 11.28 14.86 26.11
C TYR B 27 11.03 13.96 27.32
N SER B 28 10.42 14.52 28.36
CA SER B 28 10.13 13.73 29.56
C SER B 28 9.11 12.64 29.25
N PHE B 29 9.59 11.40 29.21
CA PHE B 29 8.78 10.24 28.90
C PHE B 29 7.47 10.08 29.70
N THR B 30 7.47 10.50 30.95
CA THR B 30 6.29 10.33 31.78
C THR B 30 5.27 11.44 31.66
N SER B 31 5.64 12.55 31.03
CA SER B 31 4.74 13.68 30.87
C SER B 31 3.73 13.58 29.73
N TYR B 32 3.86 12.56 28.87
CA TYR B 32 2.96 12.45 27.71
C TYR B 32 2.43 11.07 27.40
N TRP B 33 1.17 11.00 26.98
CA TRP B 33 0.64 9.71 26.61
C TRP B 33 1.31 9.24 25.33
N ILE B 34 1.23 7.93 25.11
CA ILE B 34 1.75 7.34 23.91
C ILE B 34 0.55 6.59 23.38
N HIS B 35 0.23 6.87 22.13
CA HIS B 35 -0.88 6.22 21.44
C HIS B 35 -0.35 5.09 20.54
N TRP B 36 -1.21 4.14 20.21
CA TRP B 36 -0.86 3.07 19.29
C TRP B 36 -1.91 2.99 18.19
N LEU B 37 -1.46 3.04 16.94
CA LEU B 37 -2.37 2.97 15.80
C LEU B 37 -1.99 1.87 14.80
N LYS B 38 -2.98 1.39 14.06
CA LYS B 38 -2.79 0.35 13.06
C LYS B 38 -3.17 0.89 11.69
N GLN B 39 -2.29 0.76 10.70
CA GLN B 39 -2.65 1.22 9.38
C GLN B 39 -2.74 0.00 8.46
N ARG B 40 -3.96 -0.27 7.99
CA ARG B 40 -4.21 -1.43 7.13
C ARG B 40 -3.78 -1.09 5.71
N PRO B 41 -3.46 -2.12 4.91
CA PRO B 41 -3.03 -1.96 3.52
C PRO B 41 -3.89 -1.00 2.71
N ASP B 42 -5.19 -0.99 2.93
CA ASP B 42 -6.05 -0.06 2.20
C ASP B 42 -5.84 1.36 2.71
N GLN B 43 -4.82 1.53 3.55
CA GLN B 43 -4.44 2.81 4.14
C GLN B 43 -5.29 3.27 5.33
N GLY B 44 -6.35 2.54 5.64
CA GLY B 44 -7.21 2.87 6.75
C GLY B 44 -6.50 2.85 8.11
N LEU B 45 -6.62 3.95 8.83
CA LEU B 45 -6.01 4.12 10.16
C LEU B 45 -6.99 3.82 11.28
N GLU B 46 -6.59 2.99 12.23
CA GLU B 46 -7.45 2.67 13.38
C GLU B 46 -6.69 3.01 14.66
N TRP B 47 -7.40 3.52 15.65
CA TRP B 47 -6.78 3.86 16.93
C TRP B 47 -6.94 2.64 17.82
N ILE B 48 -5.83 2.16 18.38
CA ILE B 48 -5.88 1.00 19.27
C ILE B 48 -6.11 1.40 20.73
N GLY B 49 -5.28 2.30 21.23
CA GLY B 49 -5.44 2.76 22.60
C GLY B 49 -4.27 3.63 22.99
N TYR B 50 -4.24 4.10 24.23
CA TYR B 50 -3.10 4.90 24.70
C TYR B 50 -2.70 4.45 26.09
N ILE B 51 -1.44 4.68 26.44
CA ILE B 51 -0.93 4.33 27.75
C ILE B 51 -0.38 5.62 28.33
N ASP B 52 -0.56 5.81 29.65
CA ASP B 52 0.01 6.95 30.37
C ASP B 52 1.16 6.33 31.17
N PRO B 53 2.41 6.62 30.79
CA PRO B 53 3.57 6.06 31.50
C PRO B 53 3.62 6.41 32.98
N ALA B 54 3.09 7.58 33.30
CA ALA B 54 3.08 8.09 34.67
C ALA B 54 2.04 7.40 35.54
N THR B 55 1.19 6.60 34.92
CA THR B 55 0.12 5.96 35.65
C THR B 55 -0.08 4.52 35.30
N ALA B 56 0.39 4.13 34.11
CA ALA B 56 0.21 2.77 33.63
C ALA B 56 -1.26 2.66 33.27
N TYR B 57 -1.96 3.78 33.37
CA TYR B 57 -3.39 3.78 33.04
C TYR B 57 -3.54 3.54 31.54
N THR B 58 -4.53 2.76 31.16
CA THR B 58 -4.75 2.47 29.75
C THR B 58 -6.17 2.68 29.33
N GLU B 59 -6.31 3.14 28.10
CA GLU B 59 -7.61 3.37 27.49
C GLU B 59 -7.46 2.66 26.17
N SER B 60 -8.35 1.73 25.86
CA SER B 60 -8.23 1.01 24.60
C SER B 60 -9.48 1.00 23.75
N ASN B 61 -9.31 0.84 22.44
CA ASN B 61 -10.45 0.77 21.55
C ASN B 61 -11.15 -0.56 21.84
N GLN B 62 -12.46 -0.49 22.03
CA GLN B 62 -13.34 -1.64 22.30
C GLN B 62 -13.08 -2.84 21.39
N LYS B 63 -12.63 -2.53 20.17
CA LYS B 63 -12.33 -3.49 19.11
C LYS B 63 -11.05 -4.31 19.33
N PHE B 64 -10.15 -3.81 20.18
CA PHE B 64 -8.88 -4.49 20.43
C PHE B 64 -8.71 -4.77 21.89
N LYS B 65 -9.80 -4.70 22.65
CA LYS B 65 -9.72 -4.91 24.10
C LYS B 65 -8.99 -6.18 24.51
N ASP B 66 -9.40 -7.32 23.98
CA ASP B 66 -8.75 -8.56 24.38
C ASP B 66 -7.67 -9.03 23.43
N LYS B 67 -7.36 -8.22 22.42
CA LYS B 67 -6.34 -8.56 21.44
C LYS B 67 -5.00 -7.84 21.66
N ALA B 68 -5.06 -6.60 22.16
CA ALA B 68 -3.84 -5.82 22.37
C ALA B 68 -3.65 -5.44 23.83
N ILE B 69 -2.39 -5.39 24.26
CA ILE B 69 -2.10 -5.04 25.65
C ILE B 69 -0.94 -4.06 25.68
N LEU B 70 -1.20 -2.88 26.25
CA LEU B 70 -0.19 -1.84 26.31
C LEU B 70 0.43 -1.73 27.70
N THR B 71 1.74 -1.48 27.74
CA THR B 71 2.49 -1.31 28.97
C THR B 71 3.62 -0.36 28.67
N ALA B 72 4.26 0.16 29.71
CA ALA B 72 5.38 1.06 29.48
C ALA B 72 6.42 0.76 30.55
N ASP B 73 7.62 1.32 30.37
CA ASP B 73 8.68 1.11 31.35
C ASP B 73 9.44 2.41 31.47
N ARG B 74 9.26 3.05 32.63
CA ARG B 74 9.89 4.33 32.94
C ARG B 74 11.40 4.22 32.93
N SER B 75 11.89 3.07 33.40
CA SER B 75 13.32 2.82 33.47
C SER B 75 13.99 2.86 32.10
N SER B 76 13.30 2.34 31.08
CA SER B 76 13.84 2.31 29.72
C SER B 76 13.21 3.29 28.72
N ASN B 77 12.33 4.18 29.18
CA ASN B 77 11.69 5.14 28.28
C ASN B 77 11.09 4.48 27.05
N THR B 78 10.47 3.33 27.27
CA THR B 78 9.90 2.53 26.21
C THR B 78 8.49 2.07 26.47
N ALA B 79 7.66 2.11 25.43
CA ALA B 79 6.28 1.64 25.54
C ALA B 79 6.23 0.32 24.77
N PHE B 80 5.34 -0.56 25.14
CA PHE B 80 5.25 -1.83 24.43
C PHE B 80 3.81 -2.10 24.11
N MET B 81 3.61 -2.98 23.15
CA MET B 81 2.27 -3.39 22.78
C MET B 81 2.34 -4.87 22.44
N TYR B 82 1.49 -5.67 23.08
CA TYR B 82 1.47 -7.11 22.85
C TYR B 82 0.24 -7.53 22.10
N LEU B 83 0.46 -8.17 20.96
CA LEU B 83 -0.65 -8.65 20.16
C LEU B 83 -0.80 -10.14 20.38
N ASN B 84 -2.00 -10.57 20.76
CA ASN B 84 -2.25 -11.98 21.02
C ASN B 84 -2.99 -12.64 19.86
N SER B 85 -2.96 -13.98 19.83
CA SER B 85 -3.64 -14.76 18.79
C SER B 85 -3.55 -14.16 17.40
N LEU B 86 -2.32 -13.86 16.98
CA LEU B 86 -2.05 -13.26 15.69
C LEU B 86 -2.64 -13.90 14.43
N THR B 87 -3.77 -13.39 13.95
CA THR B 87 -4.34 -13.95 12.73
C THR B 87 -3.84 -13.14 11.55
N SER B 88 -4.37 -13.48 10.38
CA SER B 88 -4.02 -12.84 9.12
C SER B 88 -4.45 -11.37 9.09
N GLU B 89 -5.64 -11.09 9.59
CA GLU B 89 -6.11 -9.71 9.62
C GLU B 89 -5.18 -8.81 10.45
N ASP B 90 -4.26 -9.38 11.23
CA ASP B 90 -3.38 -8.57 12.04
C ASP B 90 -2.18 -8.09 11.30
N SER B 91 -2.09 -8.45 10.04
CA SER B 91 -0.94 -8.00 9.24
C SER B 91 -1.25 -6.55 8.86
N ALA B 92 -0.31 -5.66 9.17
CA ALA B 92 -0.48 -4.24 8.90
C ALA B 92 0.76 -3.52 9.40
N VAL B 93 0.75 -2.17 9.32
CA VAL B 93 1.86 -1.38 9.87
C VAL B 93 1.31 -0.79 11.16
N TYR B 94 2.10 -0.81 12.22
CA TYR B 94 1.66 -0.31 13.52
C TYR B 94 2.49 0.88 13.93
N TYR B 95 1.82 1.93 14.40
CA TYR B 95 2.49 3.18 14.79
C TYR B 95 2.26 3.54 16.25
N CYS B 96 3.26 4.19 16.85
CA CYS B 96 3.10 4.72 18.20
C CYS B 96 3.26 6.20 17.94
N ALA B 97 2.52 7.00 18.69
CA ALA B 97 2.57 8.44 18.53
C ALA B 97 2.33 9.08 19.87
N ARG B 98 2.85 10.29 19.99
CA ARG B 98 2.74 11.06 21.21
C ARG B 98 1.53 11.97 21.20
N GLU B 99 0.94 12.14 22.37
CA GLU B 99 -0.19 13.04 22.55
C GLU B 99 0.46 14.42 22.67
N SER B 100 -0.12 15.43 22.02
CA SER B 100 0.47 16.76 22.13
C SER B 100 0.20 17.36 23.52
N PRO B 101 0.94 18.43 23.89
CA PRO B 101 0.80 19.10 25.19
C PRO B 101 -0.67 19.35 25.52
N ARG B 102 -1.02 19.20 26.79
CA ARG B 102 -2.41 19.40 27.20
C ARG B 102 -2.85 20.85 27.03
N LEU B 103 -4.16 21.06 26.96
CA LEU B 103 -4.74 22.40 26.84
C LEU B 103 -4.62 22.99 28.25
N ARG B 104 -5.16 22.28 29.24
CA ARG B 104 -5.01 22.66 30.64
C ARG B 104 -5.00 21.35 31.39
N ARG B 105 -4.86 21.40 32.71
CA ARG B 105 -4.78 20.17 33.49
C ARG B 105 -5.99 19.24 33.29
N GLY B 106 -5.73 18.02 32.82
CA GLY B 106 -6.80 17.06 32.60
C GLY B 106 -7.66 17.26 31.35
N ILE B 107 -7.29 18.21 30.49
CA ILE B 107 -8.01 18.49 29.26
C ILE B 107 -7.05 18.41 28.09
N TYR B 108 -7.29 17.43 27.21
CA TYR B 108 -6.43 17.19 26.06
C TYR B 108 -7.07 17.34 24.69
N TYR B 109 -6.19 17.50 23.70
CA TYR B 109 -6.56 17.64 22.31
C TYR B 109 -6.88 16.29 21.67
N TYR B 110 -6.13 15.26 22.05
CA TYR B 110 -6.28 13.93 21.48
C TYR B 110 -5.86 14.07 20.01
N ALA B 111 -4.71 14.72 19.84
CA ALA B 111 -4.07 14.97 18.55
C ALA B 111 -2.64 14.49 18.73
N MET B 112 -2.19 13.58 17.85
CA MET B 112 -0.83 13.06 17.95
C MET B 112 0.15 13.96 17.24
N ASP B 113 1.15 14.44 17.95
CA ASP B 113 2.08 15.38 17.31
C ASP B 113 3.40 14.82 16.78
N TYR B 114 3.90 13.74 17.38
CA TYR B 114 5.14 13.10 16.95
C TYR B 114 4.88 11.60 16.75
N TRP B 115 5.22 11.07 15.58
CA TRP B 115 5.01 9.67 15.29
C TRP B 115 6.29 8.86 15.16
N GLY B 116 6.16 7.56 15.39
CA GLY B 116 7.27 6.65 15.21
C GLY B 116 7.29 6.30 13.73
N GLN B 117 8.35 5.63 13.28
CA GLN B 117 8.48 5.29 11.86
C GLN B 117 7.54 4.18 11.40
N GLY B 118 7.03 3.40 12.34
CA GLY B 118 6.14 2.32 11.96
C GLY B 118 6.86 0.99 12.00
N THR B 119 6.12 -0.07 12.25
CA THR B 119 6.69 -1.40 12.36
C THR B 119 5.75 -2.35 11.64
N THR B 120 6.19 -2.89 10.51
CA THR B 120 5.32 -3.80 9.78
C THR B 120 5.32 -5.16 10.41
N VAL B 121 4.23 -5.87 10.19
CA VAL B 121 4.04 -7.18 10.76
C VAL B 121 3.26 -8.02 9.76
N THR B 122 3.82 -9.17 9.40
CA THR B 122 3.15 -10.08 8.47
C THR B 122 2.93 -11.42 9.19
N VAL B 123 1.69 -11.87 9.19
CA VAL B 123 1.33 -13.13 9.82
C VAL B 123 1.12 -14.18 8.73
N SER B 124 2.15 -15.00 8.56
CA SER B 124 2.16 -16.09 7.58
C SER B 124 2.90 -17.29 8.16
N SER B 125 2.36 -18.49 7.93
CA SER B 125 2.97 -19.70 8.45
C SER B 125 4.00 -20.32 7.49
N ALA B 126 4.57 -19.51 6.60
CA ALA B 126 5.54 -20.00 5.63
C ALA B 126 7.00 -19.93 6.10
N LYS B 127 7.87 -20.68 5.42
CA LYS B 127 9.30 -20.75 5.73
C LYS B 127 10.09 -20.00 4.67
N THR B 128 11.30 -19.55 5.01
CA THR B 128 12.11 -18.82 4.05
C THR B 128 12.31 -19.61 2.73
N THR B 129 11.28 -19.55 1.88
CA THR B 129 11.22 -20.22 0.57
C THR B 129 11.74 -19.40 -0.63
N PRO B 130 12.76 -19.89 -1.34
CA PRO B 130 13.28 -19.14 -2.50
C PRO B 130 12.19 -19.15 -3.59
N PRO B 131 12.24 -18.22 -4.55
CA PRO B 131 11.20 -18.18 -5.60
C PRO B 131 11.46 -18.92 -6.90
N SER B 132 10.39 -19.20 -7.63
CA SER B 132 10.48 -19.84 -8.93
C SER B 132 10.32 -18.70 -9.95
N VAL B 133 11.35 -18.45 -10.75
CA VAL B 133 11.32 -17.38 -11.74
C VAL B 133 10.95 -17.91 -13.11
N TYR B 134 9.79 -17.51 -13.63
CA TYR B 134 9.34 -17.95 -14.95
C TYR B 134 9.44 -16.85 -15.97
N PRO B 135 9.79 -17.18 -17.21
CA PRO B 135 9.91 -16.15 -18.25
C PRO B 135 8.58 -15.92 -18.96
N LEU B 136 8.31 -14.67 -19.28
CA LEU B 136 7.09 -14.30 -19.98
C LEU B 136 7.48 -13.76 -21.34
N ALA B 137 7.30 -14.60 -22.36
CA ALA B 137 7.64 -14.27 -23.72
C ALA B 137 6.35 -14.10 -24.52
N PRO B 138 6.29 -13.11 -25.41
CA PRO B 138 5.10 -12.84 -26.23
C PRO B 138 4.69 -14.02 -27.08
N GLY B 139 3.44 -14.00 -27.55
CA GLY B 139 2.92 -15.09 -28.39
C GLY B 139 2.78 -14.71 -29.85
N SER B 146 6.42 -2.59 -33.07
CA SER B 146 7.44 -1.56 -32.92
C SER B 146 8.16 -1.73 -31.59
N MET B 147 7.38 -1.92 -30.54
CA MET B 147 7.93 -2.13 -29.21
C MET B 147 7.50 -3.54 -28.80
N VAL B 148 8.29 -4.20 -27.96
CA VAL B 148 7.89 -5.52 -27.50
C VAL B 148 7.93 -5.50 -26.00
N THR B 149 7.05 -6.28 -25.38
CA THR B 149 6.99 -6.36 -23.93
C THR B 149 7.25 -7.77 -23.48
N LEU B 150 8.25 -7.92 -22.63
CA LEU B 150 8.63 -9.22 -22.10
C LEU B 150 8.43 -9.18 -20.60
N GLY B 151 8.45 -10.34 -19.95
CA GLY B 151 8.28 -10.34 -18.51
C GLY B 151 8.91 -11.49 -17.76
N CYS B 152 8.82 -11.41 -16.44
CA CYS B 152 9.33 -12.43 -15.52
C CYS B 152 8.36 -12.51 -14.36
N LEU B 153 7.96 -13.74 -14.02
CA LEU B 153 7.04 -13.98 -12.93
C LEU B 153 7.87 -14.62 -11.80
N VAL B 154 7.94 -13.93 -10.65
CA VAL B 154 8.69 -14.43 -9.49
C VAL B 154 7.61 -14.95 -8.55
N LYS B 155 7.37 -16.25 -8.57
CA LYS B 155 6.31 -16.82 -7.78
C LYS B 155 6.72 -17.71 -6.61
N GLY B 156 5.88 -17.68 -5.58
CA GLY B 156 6.07 -18.49 -4.39
C GLY B 156 7.29 -18.26 -3.53
N TYR B 157 7.53 -17.03 -3.10
CA TYR B 157 8.67 -16.83 -2.24
C TYR B 157 8.22 -16.32 -0.88
N PHE B 158 9.20 -16.21 0.02
CA PHE B 158 8.98 -15.73 1.38
C PHE B 158 10.31 -15.72 2.10
N PRO B 159 10.61 -14.62 2.81
CA PRO B 159 9.76 -13.44 2.93
C PRO B 159 10.33 -12.38 2.00
N GLU B 160 9.72 -11.20 1.96
CA GLU B 160 10.20 -10.12 1.10
C GLU B 160 11.55 -9.64 1.64
N PRO B 161 12.36 -8.95 0.81
CA PRO B 161 12.09 -8.58 -0.58
C PRO B 161 12.89 -9.39 -1.60
N VAL B 162 12.65 -9.10 -2.88
CA VAL B 162 13.38 -9.71 -3.98
C VAL B 162 13.87 -8.51 -4.75
N THR B 163 14.98 -8.67 -5.45
CA THR B 163 15.53 -7.59 -6.22
C THR B 163 15.60 -8.05 -7.67
N VAL B 164 14.74 -7.46 -8.50
CA VAL B 164 14.70 -7.79 -9.91
C VAL B 164 15.42 -6.72 -10.73
N THR B 165 16.20 -7.16 -11.70
CA THR B 165 16.93 -6.25 -12.58
C THR B 165 16.86 -6.85 -13.98
N TRP B 166 17.15 -6.05 -14.98
CA TRP B 166 17.11 -6.52 -16.34
C TRP B 166 18.46 -6.30 -17.01
N ASN B 167 19.06 -7.40 -17.46
CA ASN B 167 20.37 -7.34 -18.09
C ASN B 167 21.38 -6.79 -17.08
N SER B 168 21.21 -7.16 -15.82
CA SER B 168 22.09 -6.73 -14.74
C SER B 168 22.10 -5.22 -14.53
N GLY B 169 21.10 -4.53 -15.07
CA GLY B 169 21.04 -3.09 -14.91
C GLY B 169 21.22 -2.30 -16.18
N SER B 170 21.72 -2.93 -17.24
CA SER B 170 21.94 -2.27 -18.54
C SER B 170 20.61 -1.75 -19.10
N LEU B 171 19.53 -2.44 -18.73
CA LEU B 171 18.17 -2.09 -19.13
C LEU B 171 17.45 -1.55 -17.92
N SER B 172 17.33 -0.23 -17.85
CA SER B 172 16.65 0.38 -16.71
C SER B 172 15.42 1.11 -17.20
N SER B 173 15.45 1.50 -18.47
CA SER B 173 14.36 2.24 -19.09
C SER B 173 13.26 1.37 -19.71
N GLY B 174 12.02 1.67 -19.34
CA GLY B 174 10.87 0.95 -19.84
C GLY B 174 10.55 -0.25 -18.95
N VAL B 175 10.98 -0.15 -17.70
CA VAL B 175 10.78 -1.23 -16.74
C VAL B 175 9.71 -0.93 -15.70
N HIS B 176 8.89 -1.92 -15.38
CA HIS B 176 7.86 -1.80 -14.37
C HIS B 176 7.94 -3.04 -13.55
N THR B 177 8.12 -2.86 -12.24
CA THR B 177 8.20 -3.98 -11.32
C THR B 177 7.06 -3.74 -10.33
N PHE B 178 6.10 -4.63 -10.36
CA PHE B 178 4.94 -4.54 -9.53
C PHE B 178 5.17 -4.94 -8.09
N PRO B 179 4.48 -4.28 -7.17
CA PRO B 179 4.66 -4.61 -5.75
C PRO B 179 4.27 -6.06 -5.53
N ALA B 180 4.92 -6.71 -4.58
CA ALA B 180 4.59 -8.11 -4.32
C ALA B 180 3.25 -8.21 -3.58
N VAL B 181 2.50 -9.27 -3.85
CA VAL B 181 1.22 -9.48 -3.18
C VAL B 181 1.31 -10.83 -2.46
N LEU B 182 0.86 -10.87 -1.20
CA LEU B 182 0.91 -12.12 -0.44
C LEU B 182 -0.38 -12.89 -0.61
N GLN B 183 -0.27 -14.18 -0.87
CA GLN B 183 -1.44 -15.03 -1.05
C GLN B 183 -1.02 -16.46 -0.75
N SER B 184 -1.80 -17.14 0.09
CA SER B 184 -1.48 -18.52 0.49
C SER B 184 -0.14 -18.47 1.22
N ASP B 185 -0.03 -17.49 2.12
CA ASP B 185 1.16 -17.29 2.93
C ASP B 185 2.42 -17.09 2.10
N LEU B 186 2.27 -17.07 0.78
CA LEU B 186 3.40 -16.87 -0.11
C LEU B 186 3.31 -15.65 -1.03
N TYR B 187 4.46 -15.05 -1.30
CA TYR B 187 4.51 -13.88 -2.17
C TYR B 187 4.64 -14.21 -3.66
N THR B 188 4.15 -13.26 -4.46
CA THR B 188 4.19 -13.34 -5.91
C THR B 188 4.41 -11.92 -6.41
N LEU B 189 5.39 -11.77 -7.28
CA LEU B 189 5.72 -10.47 -7.86
C LEU B 189 5.90 -10.68 -9.36
N SER B 190 5.90 -9.60 -10.12
CA SER B 190 6.14 -9.69 -11.56
C SER B 190 6.78 -8.42 -12.02
N SER B 191 7.46 -8.47 -13.15
CA SER B 191 8.14 -7.31 -13.65
C SER B 191 8.11 -7.35 -15.16
N SER B 192 7.92 -6.21 -15.79
CA SER B 192 7.90 -6.17 -17.24
C SER B 192 8.95 -5.19 -17.77
N VAL B 193 9.29 -5.35 -19.03
CA VAL B 193 10.25 -4.47 -19.68
C VAL B 193 9.85 -4.36 -21.14
N THR B 194 10.00 -3.18 -21.70
CA THR B 194 9.64 -2.97 -23.08
C THR B 194 10.84 -2.50 -23.86
N VAL B 195 11.16 -3.23 -24.91
CA VAL B 195 12.31 -2.91 -25.75
C VAL B 195 11.87 -2.83 -27.20
N PRO B 196 12.73 -2.27 -28.08
CA PRO B 196 12.39 -2.14 -29.49
C PRO B 196 12.39 -3.52 -30.09
N SER B 197 11.45 -3.77 -31.00
CA SER B 197 11.31 -5.07 -31.66
C SER B 197 12.47 -5.36 -32.60
N SER B 198 13.38 -4.41 -32.68
CA SER B 198 14.56 -4.54 -33.53
C SER B 198 15.75 -4.83 -32.63
N THR B 199 15.52 -5.51 -31.52
CA THR B 199 16.59 -5.83 -30.59
C THR B 199 16.29 -7.14 -29.91
N TRP B 200 15.10 -7.65 -30.15
CA TRP B 200 14.70 -8.92 -29.58
C TRP B 200 13.95 -9.69 -30.65
N PRO B 201 14.22 -11.00 -30.79
CA PRO B 201 15.18 -11.80 -30.02
C PRO B 201 16.64 -11.65 -30.44
N SER B 202 16.87 -10.77 -31.40
CA SER B 202 18.20 -10.48 -31.93
C SER B 202 19.25 -10.40 -30.80
N GLU B 203 18.97 -9.57 -29.81
CA GLU B 203 19.85 -9.39 -28.66
C GLU B 203 19.23 -10.09 -27.46
N THR B 204 20.06 -10.62 -26.57
CA THR B 204 19.55 -11.33 -25.41
C THR B 204 19.02 -10.42 -24.31
N VAL B 205 17.97 -10.87 -23.65
CA VAL B 205 17.37 -10.13 -22.54
C VAL B 205 17.13 -11.12 -21.41
N THR B 206 17.54 -10.75 -20.21
CA THR B 206 17.35 -11.66 -19.09
C THR B 206 17.07 -10.91 -17.80
N CYS B 207 16.24 -11.49 -16.94
CA CYS B 207 15.95 -10.83 -15.69
C CYS B 207 16.74 -11.53 -14.60
N ASN B 208 17.31 -10.73 -13.71
CA ASN B 208 18.10 -11.26 -12.62
C ASN B 208 17.30 -11.05 -11.36
N VAL B 209 17.00 -12.14 -10.68
CA VAL B 209 16.21 -12.10 -9.46
C VAL B 209 17.05 -12.49 -8.23
N ALA B 210 17.10 -11.64 -7.23
CA ALA B 210 17.87 -11.95 -6.04
C ALA B 210 16.98 -11.95 -4.80
N HIS B 211 16.94 -13.08 -4.11
CA HIS B 211 16.15 -13.22 -2.88
C HIS B 211 17.19 -13.48 -1.79
N PRO B 212 17.61 -12.43 -1.07
CA PRO B 212 18.60 -12.53 0.01
C PRO B 212 18.26 -13.53 1.13
N ALA B 213 17.00 -13.56 1.55
CA ALA B 213 16.56 -14.48 2.60
C ALA B 213 16.96 -15.94 2.36
N SER B 214 17.01 -16.36 1.09
CA SER B 214 17.38 -17.73 0.72
C SER B 214 18.80 -17.71 0.23
N SER B 215 19.32 -16.51 0.07
CA SER B 215 20.67 -16.32 -0.42
C SER B 215 20.75 -16.84 -1.86
N THR B 216 19.58 -16.95 -2.49
CA THR B 216 19.49 -17.42 -3.87
C THR B 216 19.43 -16.26 -4.87
N LYS B 217 20.19 -16.38 -5.95
CA LYS B 217 20.25 -15.39 -7.01
C LYS B 217 19.97 -16.20 -8.29
N VAL B 218 19.18 -15.66 -9.21
CA VAL B 218 18.81 -16.41 -10.41
C VAL B 218 18.73 -15.58 -11.68
N ASP B 219 19.18 -16.15 -12.78
CA ASP B 219 19.11 -15.45 -14.05
C ASP B 219 18.24 -16.25 -14.99
N LYS B 220 17.25 -15.60 -15.60
CA LYS B 220 16.39 -16.29 -16.52
C LYS B 220 16.39 -15.50 -17.82
N LYS B 221 16.76 -16.16 -18.91
CA LYS B 221 16.83 -15.58 -20.24
C LYS B 221 15.44 -15.65 -20.87
N ILE B 222 15.02 -14.58 -21.54
CA ILE B 222 13.71 -14.57 -22.16
C ILE B 222 13.83 -15.02 -23.60
N VAL B 223 13.45 -16.27 -23.85
CA VAL B 223 13.52 -16.86 -25.18
C VAL B 223 12.14 -16.96 -25.81
N PRO B 224 12.04 -16.62 -27.11
CA PRO B 224 10.73 -16.68 -27.77
C PRO B 224 10.15 -18.10 -27.73
N ARG B 225 8.84 -18.19 -27.57
CA ARG B 225 8.16 -19.48 -27.54
C ARG B 225 7.95 -19.82 -29.01
N ASP B 226 8.39 -20.99 -29.45
CA ASP B 226 8.26 -21.38 -30.86
C ASP B 226 6.91 -22.01 -31.24
N CYS B 227 6.12 -22.41 -30.24
CA CYS B 227 4.84 -23.04 -30.52
C CYS B 227 3.80 -22.06 -31.03
#